data_4AVH
#
_entry.id   4AVH
#
_cell.length_a   91.310
_cell.length_b   91.310
_cell.length_c   80.300
_cell.angle_alpha   90.00
_cell.angle_beta   90.00
_cell.angle_gamma   120.00
#
_symmetry.space_group_name_H-M   'P 31 2 1'
#
loop_
_entity.id
_entity.type
_entity.pdbx_description
1 polymer FIMH
2 non-polymer '3-(propylsulfanyl)propyl alpha-D-mannopyranoside'
3 non-polymer 'NICKEL (II) ION'
4 non-polymer 'SULFATE ION'
5 water water
#
_entity_poly.entity_id   1
_entity_poly.type   'polypeptide(L)'
_entity_poly.pdbx_seq_one_letter_code
;FACKTANGTAIPIGGGSANVYVNLAPVVNVGQNLVVDLSTQIFCHNDYPETITDYVTLQRGSAYGGVLSNFSGTVKYSGS
SYPFPTTSETPRVVYNSRTDKPWPVALYLTPVSSAGGVAIKAGSLIAVLILRQTNNYNSDDFQFVWNIYANNDVVVPT
;
_entity_poly.pdbx_strand_id   A,B
#
# COMPACT_ATOMS: atom_id res chain seq x y z
N PHE A 1 3.88 -20.44 -18.80
CA PHE A 1 3.69 -19.79 -17.51
C PHE A 1 2.63 -20.54 -16.71
N ALA A 2 2.94 -20.81 -15.44
CA ALA A 2 1.99 -21.49 -14.55
C ALA A 2 2.31 -21.17 -13.11
N CYS A 3 1.34 -21.43 -12.23
CA CYS A 3 1.52 -21.13 -10.82
CA CYS A 3 1.52 -21.14 -10.81
C CYS A 3 1.10 -22.30 -9.93
N LYS A 4 1.63 -22.32 -8.71
CA LYS A 4 1.25 -23.32 -7.73
C LYS A 4 1.28 -22.66 -6.35
N THR A 5 0.71 -23.34 -5.35
CA THR A 5 0.76 -22.87 -3.98
C THR A 5 1.66 -23.81 -3.17
N ALA A 6 2.25 -23.30 -2.10
CA ALA A 6 3.12 -24.09 -1.22
C ALA A 6 2.35 -25.27 -0.63
N ASN A 7 2.88 -26.48 -0.79
CA ASN A 7 2.21 -27.72 -0.37
C ASN A 7 0.71 -27.79 -0.67
N GLY A 8 0.32 -27.37 -1.87
CA GLY A 8 -1.08 -27.16 -2.17
C GLY A 8 -1.45 -27.59 -3.57
N THR A 9 -2.04 -26.67 -4.35
CA THR A 9 -2.53 -27.03 -5.66
C THR A 9 -1.81 -26.24 -6.74
N ALA A 10 -2.18 -26.45 -7.99
CA ALA A 10 -1.56 -25.73 -9.10
C ALA A 10 -2.62 -25.14 -10.02
N ILE A 11 -2.26 -24.02 -10.68
CA ILE A 11 -3.01 -23.55 -11.84
C ILE A 11 -2.09 -23.71 -13.04
N PRO A 12 -2.58 -24.41 -14.07
CA PRO A 12 -1.71 -24.77 -15.20
C PRO A 12 -1.73 -23.70 -16.28
N ILE A 13 -0.88 -23.89 -17.28
CA ILE A 13 -0.82 -23.04 -18.47
C ILE A 13 -2.21 -22.68 -18.98
N GLY A 14 -2.41 -21.43 -19.35
CA GLY A 14 -3.72 -20.99 -19.83
C GLY A 14 -4.62 -20.39 -18.76
N GLY A 15 -4.26 -20.56 -17.49
CA GLY A 15 -4.97 -19.89 -16.41
C GLY A 15 -6.02 -20.79 -15.79
N GLY A 16 -6.78 -20.23 -14.84
CA GLY A 16 -7.71 -21.03 -14.08
C GLY A 16 -7.86 -20.43 -12.70
N SER A 17 -8.28 -21.25 -11.75
CA SER A 17 -8.68 -20.73 -10.45
C SER A 17 -8.24 -21.72 -9.36
N ALA A 18 -7.96 -21.21 -8.16
CA ALA A 18 -7.50 -22.05 -7.06
C ALA A 18 -7.85 -21.43 -5.71
N ASN A 19 -8.05 -22.29 -4.71
CA ASN A 19 -8.41 -21.83 -3.39
C ASN A 19 -7.17 -21.84 -2.50
N VAL A 20 -6.96 -20.75 -1.76
CA VAL A 20 -5.81 -20.61 -0.86
C VAL A 20 -6.29 -20.26 0.54
N TYR A 21 -5.76 -20.96 1.54
CA TYR A 21 -6.09 -20.69 2.93
C TYR A 21 -4.97 -19.89 3.61
N VAL A 22 -5.34 -18.97 4.50
CA VAL A 22 -4.32 -18.17 5.17
C VAL A 22 -4.52 -18.18 6.68
N ASN A 23 -3.40 -18.16 7.39
CA ASN A 23 -3.41 -17.97 8.83
C ASN A 23 -3.45 -16.48 9.13
N LEU A 24 -4.31 -16.09 10.07
CA LEU A 24 -4.49 -14.70 10.42
C LEU A 24 -4.29 -14.55 11.93
N ALA A 25 -3.69 -13.44 12.37
CA ALA A 25 -3.62 -13.18 13.81
C ALA A 25 -5.03 -13.25 14.41
N PRO A 26 -5.20 -14.03 15.50
CA PRO A 26 -6.54 -14.31 16.04
C PRO A 26 -7.18 -13.13 16.80
N VAL A 27 -6.38 -12.12 17.13
CA VAL A 27 -6.91 -10.92 17.77
C VAL A 27 -6.25 -9.70 17.16
N VAL A 28 -7.05 -8.70 16.78
CA VAL A 28 -6.49 -7.48 16.21
C VAL A 28 -7.31 -6.27 16.65
N ASN A 29 -6.63 -5.22 17.11
CA ASN A 29 -7.30 -4.02 17.59
C ASN A 29 -7.44 -2.95 16.52
N VAL A 30 -8.36 -2.02 16.74
CA VAL A 30 -8.43 -0.81 15.91
C VAL A 30 -7.05 -0.14 15.89
N GLY A 31 -6.54 0.18 14.70
CA GLY A 31 -5.24 0.81 14.58
C GLY A 31 -4.08 -0.16 14.36
N GLN A 32 -4.40 -1.47 14.32
CA GLN A 32 -3.41 -2.50 14.02
C GLN A 32 -3.69 -3.12 12.65
N ASN A 33 -2.66 -3.71 12.05
CA ASN A 33 -2.79 -4.36 10.75
C ASN A 33 -2.79 -5.86 10.85
N LEU A 34 -3.69 -6.52 10.13
CA LEU A 34 -3.50 -7.92 9.79
C LEU A 34 -2.61 -7.87 8.55
N VAL A 35 -1.48 -8.57 8.58
CA VAL A 35 -0.65 -8.64 7.39
C VAL A 35 -0.79 -10.02 6.81
N VAL A 36 -1.45 -10.12 5.66
CA VAL A 36 -1.59 -11.40 4.96
C VAL A 36 -0.59 -11.46 3.81
N ASP A 37 0.56 -12.09 4.04
CA ASP A 37 1.60 -12.12 3.00
C ASP A 37 1.45 -13.37 2.11
N LEU A 38 1.04 -13.17 0.86
CA LEU A 38 0.83 -14.27 -0.07
C LEU A 38 2.10 -14.76 -0.76
N SER A 39 3.18 -13.98 -0.66
CA SER A 39 4.40 -14.30 -1.39
C SER A 39 5.09 -15.56 -0.86
N THR A 40 4.68 -16.02 0.31
CA THR A 40 5.20 -17.28 0.85
C THR A 40 4.34 -18.46 0.42
N GLN A 41 3.28 -18.18 -0.31
CA GLN A 41 2.32 -19.22 -0.67
C GLN A 41 2.11 -19.40 -2.17
N ILE A 42 2.17 -18.31 -2.92
CA ILE A 42 1.92 -18.39 -4.35
C ILE A 42 3.21 -18.19 -5.12
N PHE A 43 3.52 -19.15 -6.00
CA PHE A 43 4.78 -19.17 -6.75
C PHE A 43 4.52 -19.44 -8.22
N CYS A 44 5.08 -18.60 -9.08
CA CYS A 44 4.96 -18.81 -10.52
CA CYS A 44 4.97 -18.76 -10.53
C CYS A 44 6.34 -18.86 -11.20
N HIS A 45 6.35 -19.28 -12.45
CA HIS A 45 7.59 -19.36 -13.20
C HIS A 45 7.30 -19.31 -14.69
N ASN A 46 8.33 -18.97 -15.46
CA ASN A 46 8.24 -18.83 -16.90
C ASN A 46 8.69 -20.15 -17.54
N ASP A 47 7.97 -20.58 -18.57
CA ASP A 47 8.24 -21.88 -19.19
C ASP A 47 9.29 -21.90 -20.32
N TYR A 48 9.53 -20.74 -20.92
CA TYR A 48 10.51 -20.63 -22.00
C TYR A 48 11.24 -19.29 -21.91
N PRO A 49 12.03 -19.11 -20.85
CA PRO A 49 12.63 -17.79 -20.62
C PRO A 49 13.70 -17.42 -21.65
N GLU A 50 14.30 -18.41 -22.30
CA GLU A 50 15.33 -18.16 -23.32
C GLU A 50 14.77 -17.34 -24.51
N THR A 51 13.47 -17.50 -24.77
CA THR A 51 12.86 -16.84 -25.91
C THR A 51 11.66 -15.96 -25.54
N ILE A 52 11.06 -16.22 -24.37
CA ILE A 52 9.84 -15.51 -24.00
C ILE A 52 9.99 -14.74 -22.68
N THR A 53 9.43 -13.53 -22.66
CA THR A 53 9.32 -12.79 -21.40
C THR A 53 7.87 -12.74 -20.92
N ASP A 54 7.62 -13.22 -19.69
CA ASP A 54 6.28 -13.19 -19.12
C ASP A 54 6.04 -11.90 -18.31
N TYR A 55 4.86 -11.32 -18.45
CA TYR A 55 4.49 -10.11 -17.70
C TYR A 55 3.29 -10.41 -16.80
N VAL A 56 3.42 -10.07 -15.53
CA VAL A 56 2.41 -10.43 -14.54
C VAL A 56 2.01 -9.21 -13.72
N THR A 57 0.72 -8.88 -13.76
CA THR A 57 0.17 -7.81 -12.94
C THR A 57 -0.82 -8.36 -11.90
N LEU A 58 -1.07 -7.59 -10.84
CA LEU A 58 -2.28 -7.80 -10.03
C LEU A 58 -3.43 -7.04 -10.71
N GLN A 59 -4.32 -7.77 -11.39
CA GLN A 59 -5.34 -7.12 -12.22
C GLN A 59 -6.42 -6.47 -11.35
N ARG A 60 -6.74 -7.11 -10.23
CA ARG A 60 -7.77 -6.63 -9.30
C ARG A 60 -7.68 -7.38 -7.97
N GLY A 61 -8.07 -6.70 -6.89
CA GLY A 61 -8.17 -7.31 -5.58
C GLY A 61 -9.52 -6.91 -5.02
N SER A 62 -10.31 -7.91 -4.62
CA SER A 62 -11.62 -7.67 -4.03
C SER A 62 -11.68 -8.22 -2.62
N ALA A 63 -12.52 -7.59 -1.78
CA ALA A 63 -12.75 -8.04 -0.41
C ALA A 63 -14.09 -8.76 -0.34
N TYR A 64 -14.22 -9.71 0.59
CA TYR A 64 -15.46 -10.47 0.79
C TYR A 64 -15.70 -10.72 2.28
N GLY A 65 -16.93 -11.10 2.63
CA GLY A 65 -17.30 -11.43 4.01
C GLY A 65 -16.91 -10.39 5.07
N GLY A 66 -16.27 -10.88 6.13
CA GLY A 66 -15.89 -10.04 7.25
C GLY A 66 -14.84 -9.01 6.89
N VAL A 67 -13.98 -9.33 5.93
CA VAL A 67 -13.00 -8.34 5.48
C VAL A 67 -13.71 -7.15 4.82
N LEU A 68 -14.61 -7.44 3.88
CA LEU A 68 -15.38 -6.40 3.21
C LEU A 68 -16.14 -5.53 4.22
N SER A 69 -16.80 -6.18 5.18
CA SER A 69 -17.68 -5.45 6.10
C SER A 69 -16.96 -4.81 7.30
N ASN A 70 -15.82 -5.38 7.71
CA ASN A 70 -15.21 -4.93 8.97
C ASN A 70 -13.81 -4.34 8.88
N PHE A 71 -13.25 -4.30 7.67
CA PHE A 71 -11.86 -3.82 7.52
C PHE A 71 -11.71 -2.81 6.39
N SER A 72 -10.67 -1.99 6.48
CA SER A 72 -10.17 -1.23 5.34
C SER A 72 -8.75 -1.71 5.10
N GLY A 73 -8.28 -1.64 3.87
CA GLY A 73 -7.00 -2.25 3.55
C GLY A 73 -6.21 -1.53 2.49
N THR A 74 -4.95 -1.95 2.37
CA THR A 74 -4.11 -1.59 1.24
C THR A 74 -3.47 -2.89 0.77
N VAL A 75 -3.05 -2.94 -0.50
CA VAL A 75 -2.31 -4.09 -1.00
C VAL A 75 -0.91 -3.62 -1.40
N LYS A 76 0.11 -4.40 -1.02
CA LYS A 76 1.46 -4.11 -1.49
C LYS A 76 1.84 -5.11 -2.58
N TYR A 77 2.06 -4.61 -3.80
CA TYR A 77 2.47 -5.45 -4.93
C TYR A 77 3.83 -5.03 -5.44
N SER A 78 4.81 -5.94 -5.36
CA SER A 78 6.18 -5.67 -5.83
C SER A 78 6.75 -4.32 -5.39
N GLY A 79 6.64 -4.00 -4.10
CA GLY A 79 7.23 -2.78 -3.58
C GLY A 79 6.37 -1.54 -3.60
N SER A 80 5.27 -1.54 -4.35
CA SER A 80 4.34 -0.41 -4.36
C SER A 80 3.05 -0.69 -3.60
N SER A 81 2.43 0.35 -3.05
CA SER A 81 1.22 0.22 -2.23
C SER A 81 -0.03 0.84 -2.87
N TYR A 82 -1.18 0.18 -2.71
CA TYR A 82 -2.42 0.58 -3.38
C TYR A 82 -3.62 0.32 -2.47
N PRO A 83 -4.75 1.02 -2.70
CA PRO A 83 -5.95 0.75 -1.91
C PRO A 83 -6.39 -0.71 -2.11
N PHE A 84 -6.92 -1.35 -1.07
CA PHE A 84 -7.56 -2.65 -1.22
C PHE A 84 -8.96 -2.57 -0.61
N PRO A 85 -10.02 -2.90 -1.38
CA PRO A 85 -10.06 -3.37 -2.77
C PRO A 85 -9.43 -2.39 -3.74
N THR A 86 -8.95 -2.90 -4.88
CA THR A 86 -8.11 -2.10 -5.76
C THR A 86 -8.94 -1.17 -6.65
N THR A 87 -8.30 -0.15 -7.22
CA THR A 87 -9.01 0.82 -8.07
C THR A 87 -8.58 0.71 -9.53
N SER A 88 -7.46 0.03 -9.78
CA SER A 88 -6.98 -0.25 -11.13
C SER A 88 -5.93 -1.34 -11.13
N GLU A 89 -5.64 -1.88 -12.32
CA GLU A 89 -4.58 -2.85 -12.50
C GLU A 89 -3.20 -2.21 -12.25
N THR A 90 -2.33 -2.94 -11.55
CA THR A 90 -0.99 -2.49 -11.23
C THR A 90 -0.04 -2.52 -12.43
N PRO A 91 1.16 -1.92 -12.28
CA PRO A 91 2.20 -2.21 -13.27
C PRO A 91 2.59 -3.70 -13.25
N ARG A 92 3.45 -4.10 -14.19
CA ARG A 92 3.86 -5.52 -14.34
C ARG A 92 5.12 -5.92 -13.59
N VAL A 93 5.17 -7.19 -13.21
CA VAL A 93 6.39 -7.82 -12.74
C VAL A 93 6.87 -8.76 -13.86
N VAL A 94 8.17 -8.82 -14.08
CA VAL A 94 8.71 -9.71 -15.10
C VAL A 94 9.03 -11.09 -14.53
N TYR A 95 8.57 -12.14 -15.21
CA TYR A 95 9.00 -13.49 -14.91
C TYR A 95 9.85 -13.99 -16.08
N ASN A 96 11.12 -14.29 -15.80
CA ASN A 96 12.07 -14.66 -16.83
C ASN A 96 12.94 -15.85 -16.42
N SER A 97 12.35 -16.79 -15.70
CA SER A 97 13.11 -17.94 -15.19
C SER A 97 12.19 -19.14 -14.97
N ARG A 98 12.70 -20.35 -15.24
CA ARG A 98 11.94 -21.57 -14.94
C ARG A 98 11.84 -21.85 -13.44
N THR A 99 12.75 -21.24 -12.68
CA THR A 99 12.77 -21.37 -11.21
C THR A 99 11.56 -20.67 -10.58
N ASP A 100 10.84 -21.37 -9.70
CA ASP A 100 9.72 -20.76 -8.99
C ASP A 100 10.13 -19.44 -8.34
N LYS A 101 9.34 -18.39 -8.58
CA LYS A 101 9.58 -17.13 -7.91
C LYS A 101 8.26 -16.67 -7.29
N PRO A 102 8.31 -16.02 -6.11
CA PRO A 102 7.04 -15.69 -5.45
C PRO A 102 6.20 -14.67 -6.24
N TRP A 103 4.89 -14.70 -6.05
CA TRP A 103 4.03 -13.61 -6.49
C TRP A 103 4.00 -12.60 -5.34
N PRO A 104 4.59 -11.42 -5.54
CA PRO A 104 4.81 -10.51 -4.39
C PRO A 104 3.60 -9.67 -3.97
N VAL A 105 2.54 -10.32 -3.48
CA VAL A 105 1.34 -9.64 -2.99
C VAL A 105 1.16 -9.83 -1.48
N ALA A 106 0.89 -8.72 -0.79
CA ALA A 106 0.58 -8.77 0.65
C ALA A 106 -0.57 -7.81 0.95
N LEU A 107 -1.51 -8.23 1.79
CA LEU A 107 -2.63 -7.39 2.21
C LEU A 107 -2.41 -6.85 3.63
N TYR A 108 -2.66 -5.56 3.83
CA TYR A 108 -2.64 -4.98 5.17
C TYR A 108 -4.06 -4.51 5.52
N LEU A 109 -4.72 -5.25 6.41
CA LEU A 109 -6.11 -4.97 6.75
C LEU A 109 -6.23 -4.44 8.17
N THR A 110 -7.00 -3.35 8.35
CA THR A 110 -7.17 -2.74 9.67
C THR A 110 -8.65 -2.63 10.01
N PRO A 111 -9.02 -2.98 11.26
CA PRO A 111 -10.44 -3.02 11.65
C PRO A 111 -11.07 -1.65 11.57
N VAL A 112 -12.26 -1.53 10.97
CA VAL A 112 -13.00 -0.26 11.00
C VAL A 112 -13.56 -0.04 12.42
N SER A 113 -14.04 1.18 12.72
CA SER A 113 -14.49 1.50 14.08
C SER A 113 -15.70 0.67 14.54
N SER A 114 -16.55 0.29 13.60
CA SER A 114 -17.72 -0.54 13.89
C SER A 114 -17.38 -2.01 14.12
N ALA A 115 -16.17 -2.42 13.72
CA ALA A 115 -15.75 -3.82 13.91
C ALA A 115 -15.70 -4.22 15.38
N GLY A 116 -16.23 -5.39 15.70
CA GLY A 116 -16.26 -5.88 17.07
C GLY A 116 -16.71 -7.32 17.12
N GLY A 117 -16.12 -8.09 18.03
CA GLY A 117 -16.42 -9.51 18.13
C GLY A 117 -15.68 -10.30 17.07
N VAL A 118 -16.27 -11.41 16.65
CA VAL A 118 -15.72 -12.20 15.55
C VAL A 118 -15.91 -11.44 14.24
N ALA A 119 -14.84 -10.76 13.79
CA ALA A 119 -14.91 -9.91 12.59
C ALA A 119 -14.61 -10.68 11.31
N ILE A 120 -13.97 -11.83 11.44
CA ILE A 120 -13.74 -12.74 10.31
C ILE A 120 -13.96 -14.18 10.78
N LYS A 121 -14.78 -14.92 10.04
CA LYS A 121 -15.07 -16.30 10.45
C LYS A 121 -14.13 -17.32 9.83
N ALA A 122 -13.73 -18.29 10.65
CA ALA A 122 -12.92 -19.42 10.23
C ALA A 122 -13.57 -20.06 9.01
N GLY A 123 -12.76 -20.32 7.98
CA GLY A 123 -13.26 -21.01 6.80
C GLY A 123 -13.90 -20.09 5.78
N SER A 124 -14.18 -18.84 6.14
CA SER A 124 -14.86 -17.92 5.23
C SER A 124 -13.97 -17.36 4.11
N LEU A 125 -14.58 -17.09 2.95
CA LEU A 125 -13.89 -16.36 1.88
C LEU A 125 -13.65 -14.89 2.29
N ILE A 126 -12.40 -14.45 2.24
CA ILE A 126 -12.10 -13.08 2.66
C ILE A 126 -11.61 -12.18 1.51
N ALA A 127 -11.19 -12.77 0.40
CA ALA A 127 -10.62 -11.97 -0.68
C ALA A 127 -10.49 -12.79 -1.97
N VAL A 128 -10.46 -12.10 -3.10
CA VAL A 128 -10.04 -12.67 -4.37
C VAL A 128 -8.97 -11.78 -4.99
N LEU A 129 -7.86 -12.39 -5.39
CA LEU A 129 -6.80 -11.68 -6.07
C LEU A 129 -6.64 -12.29 -7.46
N ILE A 130 -6.70 -11.45 -8.50
CA ILE A 130 -6.58 -11.93 -9.88
C ILE A 130 -5.23 -11.58 -10.47
N LEU A 131 -4.48 -12.60 -10.83
CA LEU A 131 -3.19 -12.44 -11.49
C LEU A 131 -3.47 -12.49 -12.99
N ARG A 132 -2.95 -11.50 -13.71
CA ARG A 132 -3.13 -11.42 -15.16
C ARG A 132 -1.78 -11.61 -15.83
N GLN A 133 -1.70 -12.50 -16.81
CA GLN A 133 -0.40 -12.83 -17.41
C GLN A 133 -0.39 -12.69 -18.92
N THR A 134 0.59 -11.95 -19.41
CA THR A 134 0.80 -11.80 -20.85
C THR A 134 2.27 -12.05 -21.18
N ASN A 135 2.65 -11.84 -22.44
CA ASN A 135 4.06 -12.05 -22.83
C ASN A 135 4.51 -11.16 -23.99
N ASN A 136 5.78 -11.30 -24.39
CA ASN A 136 6.32 -10.55 -25.53
C ASN A 136 6.40 -11.44 -26.78
N TYR A 137 5.55 -12.47 -26.84
CA TYR A 137 5.70 -13.51 -27.86
C TYR A 137 4.43 -13.77 -28.70
N ASN A 138 3.28 -13.93 -28.03
CA ASN A 138 2.04 -14.14 -28.78
C ASN A 138 0.86 -13.35 -28.18
N SER A 139 -0.36 -13.73 -28.52
CA SER A 139 -1.51 -12.98 -28.02
C SER A 139 -2.01 -13.44 -26.64
N ASP A 140 -1.25 -14.32 -25.97
CA ASP A 140 -1.73 -14.87 -24.69
C ASP A 140 -2.08 -13.82 -23.65
N ASP A 141 -3.25 -13.97 -23.04
CA ASP A 141 -3.73 -13.01 -22.05
C ASP A 141 -4.61 -13.80 -21.08
N PHE A 142 -3.99 -14.31 -20.02
CA PHE A 142 -4.62 -15.28 -19.12
C PHE A 142 -4.84 -14.76 -17.69
N GLN A 143 -5.89 -15.28 -17.05
CA GLN A 143 -6.20 -14.96 -15.68
C GLN A 143 -5.96 -16.14 -14.75
N PHE A 144 -5.28 -15.86 -13.64
CA PHE A 144 -5.07 -16.81 -12.56
C PHE A 144 -5.75 -16.25 -11.33
N VAL A 145 -6.86 -16.89 -10.94
CA VAL A 145 -7.77 -16.35 -9.94
C VAL A 145 -7.60 -17.05 -8.60
N TRP A 146 -7.23 -16.27 -7.59
CA TRP A 146 -6.90 -16.84 -6.30
C TRP A 146 -7.96 -16.50 -5.26
N ASN A 147 -8.69 -17.52 -4.83
CA ASN A 147 -9.70 -17.36 -3.79
C ASN A 147 -9.02 -17.54 -2.45
N ILE A 148 -9.09 -16.50 -1.62
CA ILE A 148 -8.38 -16.49 -0.33
C ILE A 148 -9.35 -16.76 0.81
N TYR A 149 -9.06 -17.79 1.62
CA TYR A 149 -9.95 -18.21 2.71
C TYR A 149 -9.25 -18.11 4.06
N ALA A 150 -10.01 -17.71 5.09
CA ALA A 150 -9.49 -17.59 6.46
C ALA A 150 -9.38 -18.96 7.09
N ASN A 151 -8.23 -19.24 7.70
CA ASN A 151 -8.07 -20.52 8.39
C ASN A 151 -8.69 -20.50 9.79
N ASN A 152 -8.67 -19.34 10.44
CA ASN A 152 -9.16 -19.21 11.81
C ASN A 152 -10.02 -17.95 12.01
N ASP A 153 -10.84 -17.95 13.05
CA ASP A 153 -11.56 -16.76 13.49
C ASP A 153 -10.59 -15.64 13.81
N VAL A 154 -11.00 -14.40 13.55
CA VAL A 154 -10.22 -13.24 13.97
C VAL A 154 -11.15 -12.36 14.82
N VAL A 155 -10.75 -12.06 16.06
CA VAL A 155 -11.60 -11.29 16.96
C VAL A 155 -11.11 -9.85 17.10
N VAL A 156 -12.02 -8.89 17.01
CA VAL A 156 -11.66 -7.50 17.25
C VAL A 156 -12.17 -7.12 18.64
N PRO A 157 -11.23 -6.88 19.58
CA PRO A 157 -11.59 -6.63 20.99
C PRO A 157 -12.59 -5.51 21.14
N THR A 158 -13.61 -5.76 21.97
CA THR A 158 -14.60 -4.75 22.34
C THR A 158 -14.38 -4.36 23.80
N PHE B 1 -13.82 15.12 -4.36
CA PHE B 1 -12.54 15.26 -3.69
C PHE B 1 -11.46 14.49 -4.44
N ALA B 2 -10.43 15.22 -4.87
CA ALA B 2 -9.26 14.61 -5.49
C ALA B 2 -8.00 15.34 -5.05
N CYS B 3 -6.85 14.75 -5.38
CA CYS B 3 -5.57 15.33 -4.99
CA CYS B 3 -5.54 15.28 -4.98
C CYS B 3 -4.61 15.39 -6.19
N LYS B 4 -3.52 16.13 -6.01
CA LYS B 4 -2.51 16.29 -7.07
C LYS B 4 -1.12 16.44 -6.44
N THR B 5 -0.08 16.33 -7.27
CA THR B 5 1.29 16.53 -6.80
C THR B 5 1.97 17.64 -7.60
N ALA B 6 3.01 18.25 -7.03
CA ALA B 6 3.64 19.41 -7.68
C ALA B 6 4.39 19.00 -8.94
N ASN B 7 4.13 19.72 -10.04
CA ASN B 7 4.57 19.37 -11.41
C ASN B 7 4.46 17.87 -11.74
N GLY B 8 3.37 17.27 -11.28
CA GLY B 8 3.28 15.83 -11.33
C GLY B 8 1.92 15.33 -11.72
N THR B 9 1.30 14.60 -10.80
CA THR B 9 0.20 13.72 -11.19
C THR B 9 -1.08 14.06 -10.45
N ALA B 10 -2.03 13.12 -10.48
CA ALA B 10 -3.26 13.30 -9.72
C ALA B 10 -3.85 11.95 -9.28
N ILE B 11 -4.49 11.94 -8.12
CA ILE B 11 -5.33 10.82 -7.73
C ILE B 11 -6.73 11.40 -7.71
N PRO B 12 -7.62 10.82 -8.53
CA PRO B 12 -8.93 11.42 -8.80
C PRO B 12 -9.98 10.98 -7.79
N ILE B 13 -11.19 11.50 -7.95
CA ILE B 13 -12.33 11.09 -7.14
C ILE B 13 -12.38 9.58 -7.00
N GLY B 14 -12.45 9.09 -5.76
CA GLY B 14 -12.51 7.66 -5.51
C GLY B 14 -11.22 7.10 -4.96
N GLY B 15 -10.18 7.92 -4.96
CA GLY B 15 -8.91 7.47 -4.45
C GLY B 15 -8.12 6.65 -5.45
N GLY B 16 -7.00 6.09 -4.98
CA GLY B 16 -6.07 5.42 -5.84
C GLY B 16 -4.68 5.46 -5.21
N SER B 17 -3.67 5.51 -6.08
CA SER B 17 -2.26 5.40 -5.65
C SER B 17 -1.41 6.29 -6.58
N ALA B 18 -0.31 6.82 -6.05
CA ALA B 18 0.59 7.65 -6.85
C ALA B 18 2.00 7.62 -6.27
N ASN B 19 3.01 7.90 -7.11
CA ASN B 19 4.39 8.02 -6.62
C ASN B 19 4.76 9.50 -6.46
N VAL B 20 5.43 9.84 -5.36
CA VAL B 20 5.92 11.20 -5.15
C VAL B 20 7.44 11.15 -4.99
N TYR B 21 8.15 11.93 -5.82
CA TYR B 21 9.61 11.90 -5.82
C TYR B 21 10.15 13.21 -5.25
N VAL B 22 10.81 13.12 -4.09
CA VAL B 22 11.24 14.30 -3.34
C VAL B 22 12.75 14.48 -3.30
N ASN B 23 13.18 15.74 -3.22
CA ASN B 23 14.59 16.08 -3.09
C ASN B 23 14.94 16.17 -1.61
N LEU B 24 16.05 15.56 -1.24
CA LEU B 24 16.40 15.48 0.17
C LEU B 24 17.75 16.13 0.41
N ALA B 25 17.93 16.70 1.61
CA ALA B 25 19.23 17.20 2.02
C ALA B 25 20.27 16.12 1.71
N PRO B 26 21.34 16.47 1.00
CA PRO B 26 22.33 15.45 0.59
C PRO B 26 23.16 14.97 1.78
N VAL B 27 23.19 15.77 2.85
CA VAL B 27 23.99 15.45 4.02
C VAL B 27 23.19 15.74 5.28
N VAL B 28 23.18 14.80 6.21
CA VAL B 28 22.57 14.99 7.52
C VAL B 28 23.41 14.29 8.58
N ASN B 29 23.96 15.08 9.49
CA ASN B 29 24.83 14.58 10.56
C ASN B 29 24.02 13.96 11.69
N VAL B 30 24.62 12.99 12.39
CA VAL B 30 24.01 12.51 13.62
C VAL B 30 23.69 13.74 14.48
N GLY B 31 22.47 13.78 15.01
CA GLY B 31 22.05 14.93 15.79
C GLY B 31 21.34 16.00 14.96
N GLN B 32 21.33 15.86 13.64
CA GLN B 32 20.60 16.79 12.77
C GLN B 32 19.31 16.16 12.25
N ASN B 33 18.38 17.01 11.81
CA ASN B 33 17.11 16.54 11.30
C ASN B 33 17.03 16.57 9.77
N LEU B 34 16.52 15.49 9.21
CA LEU B 34 16.11 15.41 7.81
C LEU B 34 14.61 15.72 7.76
N VAL B 35 14.25 16.82 7.10
CA VAL B 35 12.84 17.21 7.00
C VAL B 35 12.23 16.87 5.63
N VAL B 36 11.17 16.07 5.65
CA VAL B 36 10.48 15.67 4.44
C VAL B 36 9.10 16.32 4.38
N ASP B 37 9.04 17.58 3.94
CA ASP B 37 7.77 18.31 3.89
C ASP B 37 6.91 17.95 2.66
N LEU B 38 5.84 17.19 2.90
CA LEU B 38 4.94 16.81 1.82
C LEU B 38 3.94 17.91 1.52
N SER B 39 3.82 18.88 2.43
CA SER B 39 2.84 19.97 2.24
C SER B 39 3.17 20.86 1.05
N THR B 40 4.36 20.70 0.47
CA THR B 40 4.72 21.40 -0.76
C THR B 40 4.66 20.48 -1.96
N GLN B 41 4.25 19.23 -1.75
CA GLN B 41 4.23 18.25 -2.84
C GLN B 41 2.80 17.77 -3.10
N ILE B 42 2.04 17.59 -2.03
CA ILE B 42 0.70 17.01 -2.12
C ILE B 42 -0.38 18.05 -1.81
N PHE B 43 -1.34 18.22 -2.73
CA PHE B 43 -2.40 19.25 -2.59
C PHE B 43 -3.78 18.62 -2.84
N CYS B 44 -4.78 19.02 -2.06
CA CYS B 44 -6.12 18.47 -2.18
CA CYS B 44 -6.12 18.47 -2.17
C CYS B 44 -7.17 19.57 -2.29
N HIS B 45 -8.38 19.19 -2.69
CA HIS B 45 -9.49 20.15 -2.75
C HIS B 45 -10.85 19.45 -2.65
N ASN B 46 -11.83 20.20 -2.14
CA ASN B 46 -13.21 19.75 -2.02
C ASN B 46 -13.99 20.11 -3.28
N ASP B 47 -14.75 19.15 -3.81
CA ASP B 47 -15.40 19.35 -5.12
C ASP B 47 -16.79 19.99 -5.15
N TYR B 48 -17.51 19.96 -4.03
CA TYR B 48 -18.81 20.60 -3.92
C TYR B 48 -18.96 21.17 -2.51
N PRO B 49 -18.10 22.16 -2.16
CA PRO B 49 -17.98 22.61 -0.77
C PRO B 49 -19.17 23.43 -0.28
N GLU B 50 -20.03 23.85 -1.20
CA GLU B 50 -21.22 24.62 -0.83
C GLU B 50 -22.29 23.74 -0.16
N THR B 51 -22.15 22.41 -0.26
CA THR B 51 -23.08 21.46 0.36
C THR B 51 -22.40 20.28 1.05
N ILE B 52 -21.11 20.06 0.75
CA ILE B 52 -20.38 18.92 1.31
C ILE B 52 -19.14 19.34 2.09
N THR B 53 -18.93 18.71 3.24
CA THR B 53 -17.71 18.88 4.01
C THR B 53 -16.86 17.61 3.98
N ASP B 54 -15.62 17.75 3.48
CA ASP B 54 -14.69 16.63 3.36
C ASP B 54 -13.76 16.46 4.58
N TYR B 55 -13.61 15.23 5.06
CA TYR B 55 -12.74 14.95 6.21
C TYR B 55 -11.50 14.12 5.85
N VAL B 56 -10.33 14.65 6.16
CA VAL B 56 -9.08 14.05 5.70
C VAL B 56 -8.08 13.71 6.82
N THR B 57 -7.78 12.42 6.96
CA THR B 57 -6.82 11.96 7.96
C THR B 57 -5.58 11.34 7.33
N LEU B 58 -4.44 11.47 7.98
CA LEU B 58 -3.34 10.56 7.73
C LEU B 58 -3.71 9.27 8.46
N GLN B 59 -4.18 8.28 7.70
CA GLN B 59 -4.61 7.01 8.30
C GLN B 59 -3.43 6.24 8.87
N ARG B 60 -2.33 6.23 8.13
CA ARG B 60 -1.13 5.51 8.54
C ARG B 60 0.05 6.02 7.74
N GLY B 61 1.20 6.10 8.40
CA GLY B 61 2.45 6.38 7.76
C GLY B 61 3.46 5.35 8.21
N SER B 62 4.08 4.68 7.24
CA SER B 62 5.05 3.63 7.52
C SER B 62 6.34 3.91 6.75
N ALA B 63 7.46 3.36 7.23
CA ALA B 63 8.80 3.71 6.73
C ALA B 63 9.40 2.54 5.96
N TYR B 64 10.23 2.85 4.96
CA TYR B 64 10.88 1.80 4.16
C TYR B 64 12.33 2.12 3.89
N GLY B 65 13.05 1.14 3.34
CA GLY B 65 14.41 1.34 2.91
C GLY B 65 15.31 1.96 3.96
N GLY B 66 16.09 2.95 3.56
CA GLY B 66 17.09 3.54 4.43
C GLY B 66 16.48 4.30 5.59
N VAL B 67 15.26 4.79 5.41
CA VAL B 67 14.59 5.52 6.49
C VAL B 67 14.15 4.55 7.59
N LEU B 68 13.60 3.40 7.17
CA LEU B 68 13.22 2.35 8.11
C LEU B 68 14.44 1.86 8.89
N SER B 69 15.56 1.66 8.20
CA SER B 69 16.72 1.04 8.85
C SER B 69 17.68 2.04 9.53
N ASN B 70 17.73 3.28 9.05
CA ASN B 70 18.76 4.22 9.53
C ASN B 70 18.26 5.51 10.17
N PHE B 71 16.94 5.69 10.29
CA PHE B 71 16.41 6.88 10.95
C PHE B 71 15.33 6.60 12.00
N SER B 72 15.10 7.61 12.82
CA SER B 72 13.99 7.59 13.75
C SER B 72 13.38 8.97 13.66
N GLY B 73 12.10 9.08 13.98
CA GLY B 73 11.51 10.40 13.99
C GLY B 73 10.01 10.45 14.13
N THR B 74 9.46 11.60 13.74
CA THR B 74 8.06 11.89 13.97
C THR B 74 7.39 12.39 12.70
N VAL B 75 6.06 12.32 12.67
CA VAL B 75 5.29 12.98 11.62
C VAL B 75 4.49 14.14 12.19
N LYS B 76 4.61 15.29 11.56
CA LYS B 76 3.83 16.46 11.96
C LYS B 76 2.62 16.59 11.01
N TYR B 77 1.43 16.34 11.53
CA TYR B 77 0.21 16.47 10.74
C TYR B 77 -0.67 17.62 11.23
N SER B 78 -0.67 18.72 10.49
CA SER B 78 -1.49 19.87 10.83
C SER B 78 -1.17 20.36 12.24
N GLY B 79 0.10 20.69 12.48
CA GLY B 79 0.51 21.30 13.73
C GLY B 79 0.64 20.42 14.98
N SER B 80 0.37 19.12 14.85
CA SER B 80 0.57 18.18 15.96
C SER B 80 1.57 17.09 15.59
N SER B 81 2.37 16.64 16.56
CA SER B 81 3.39 15.62 16.32
C SER B 81 2.96 14.24 16.77
N TYR B 82 3.40 13.21 16.04
CA TYR B 82 3.05 11.84 16.36
C TYR B 82 4.24 10.96 15.99
N PRO B 83 4.34 9.76 16.60
CA PRO B 83 5.38 8.79 16.23
C PRO B 83 5.36 8.49 14.74
N PHE B 84 6.53 8.31 14.14
CA PHE B 84 6.64 7.78 12.79
C PHE B 84 7.69 6.66 12.79
N PRO B 85 7.35 5.45 12.30
CA PRO B 85 6.07 4.97 11.75
C PRO B 85 4.88 5.15 12.71
N THR B 86 3.69 5.40 12.16
CA THR B 86 2.53 5.74 12.98
C THR B 86 1.95 4.54 13.72
N THR B 87 1.14 4.82 14.75
CA THR B 87 0.54 3.78 15.58
C THR B 87 -0.99 3.91 15.67
N SER B 88 -1.52 4.98 15.06
CA SER B 88 -2.95 5.24 15.07
C SER B 88 -3.30 6.32 14.06
N GLU B 89 -4.57 6.38 13.67
CA GLU B 89 -5.06 7.39 12.74
C GLU B 89 -5.12 8.78 13.37
N THR B 90 -4.69 9.79 12.62
CA THR B 90 -4.70 11.17 13.09
C THR B 90 -6.13 11.74 13.25
N PRO B 91 -6.25 12.93 13.86
CA PRO B 91 -7.55 13.63 13.78
C PRO B 91 -7.84 14.06 12.34
N ARG B 92 -9.06 14.51 12.09
CA ARG B 92 -9.46 14.94 10.74
C ARG B 92 -9.03 16.38 10.47
N VAL B 93 -8.70 16.65 9.22
CA VAL B 93 -8.52 18.02 8.71
C VAL B 93 -9.65 18.27 7.71
N VAL B 94 -10.31 19.42 7.81
CA VAL B 94 -11.46 19.70 6.96
C VAL B 94 -11.04 20.31 5.64
N TYR B 95 -11.59 19.78 4.55
CA TYR B 95 -11.41 20.39 3.24
C TYR B 95 -12.75 20.95 2.78
N ASN B 96 -12.75 22.23 2.43
CA ASN B 96 -14.00 22.96 2.19
C ASN B 96 -13.84 24.06 1.15
N SER B 97 -13.02 23.78 0.13
CA SER B 97 -12.79 24.76 -0.92
C SER B 97 -12.38 24.05 -2.20
N ARG B 98 -12.77 24.62 -3.33
CA ARG B 98 -12.41 24.06 -4.62
C ARG B 98 -10.96 24.38 -4.96
N THR B 99 -10.39 25.30 -4.21
CA THR B 99 -9.00 25.72 -4.39
C THR B 99 -8.04 24.68 -3.78
N ASP B 100 -6.95 24.38 -4.49
CA ASP B 100 -5.93 23.41 -4.04
C ASP B 100 -5.23 23.81 -2.75
N LYS B 101 -5.54 23.13 -1.65
CA LYS B 101 -4.90 23.39 -0.37
C LYS B 101 -3.96 22.23 0.01
N PRO B 102 -2.77 22.56 0.55
CA PRO B 102 -1.76 21.54 0.87
C PRO B 102 -2.27 20.50 1.87
N TRP B 103 -1.78 19.26 1.77
CA TRP B 103 -1.95 18.25 2.80
C TRP B 103 -0.83 18.55 3.80
N PRO B 104 -1.20 18.88 5.06
CA PRO B 104 -0.18 19.38 6.00
C PRO B 104 0.61 18.25 6.67
N VAL B 105 1.45 17.56 5.90
CA VAL B 105 2.22 16.42 6.43
C VAL B 105 3.72 16.66 6.26
N ALA B 106 4.48 16.41 7.32
CA ALA B 106 5.93 16.50 7.22
C ALA B 106 6.62 15.47 8.11
N LEU B 107 7.65 14.82 7.58
CA LEU B 107 8.40 13.85 8.36
C LEU B 107 9.66 14.50 8.96
N TYR B 108 9.86 14.32 10.26
CA TYR B 108 11.08 14.79 10.92
C TYR B 108 11.96 13.60 11.30
N LEU B 109 13.00 13.38 10.53
CA LEU B 109 13.79 12.15 10.66
C LEU B 109 15.23 12.43 11.10
N THR B 110 15.70 11.69 12.10
CA THR B 110 17.08 11.84 12.54
C THR B 110 17.85 10.52 12.48
N PRO B 111 19.10 10.56 11.99
CA PRO B 111 19.93 9.35 11.85
C PRO B 111 20.06 8.58 13.17
N VAL B 112 19.94 7.27 13.14
CA VAL B 112 20.30 6.48 14.32
C VAL B 112 21.78 6.74 14.55
N SER B 113 22.24 6.62 15.79
CA SER B 113 23.57 7.10 16.18
C SER B 113 24.70 6.25 15.60
N SER B 114 24.39 5.09 15.03
CA SER B 114 25.43 4.22 14.51
C SER B 114 25.50 4.31 12.98
N ALA B 115 24.64 5.12 12.39
CA ALA B 115 24.59 5.25 10.94
C ALA B 115 25.73 6.13 10.39
N GLY B 116 26.22 5.81 9.21
CA GLY B 116 27.27 6.58 8.54
C GLY B 116 27.35 6.16 7.07
N GLY B 117 27.80 7.07 6.20
CA GLY B 117 27.83 6.76 4.78
C GLY B 117 26.46 6.86 4.14
N VAL B 118 26.23 6.13 3.06
CA VAL B 118 24.96 6.25 2.36
C VAL B 118 23.83 5.68 3.21
N ALA B 119 22.95 6.57 3.71
CA ALA B 119 21.90 6.17 4.64
C ALA B 119 20.58 5.97 3.90
N ILE B 120 20.43 6.67 2.78
CA ILE B 120 19.28 6.49 1.87
C ILE B 120 19.83 6.46 0.45
N LYS B 121 19.40 5.49 -0.35
CA LYS B 121 19.86 5.35 -1.74
C LYS B 121 18.94 6.10 -2.70
N ALA B 122 19.52 6.75 -3.71
CA ALA B 122 18.74 7.54 -4.65
C ALA B 122 17.70 6.68 -5.36
N GLY B 123 16.51 7.22 -5.60
CA GLY B 123 15.46 6.45 -6.27
C GLY B 123 14.73 5.40 -5.44
N SER B 124 15.10 5.24 -4.16
CA SER B 124 14.48 4.20 -3.34
C SER B 124 13.23 4.68 -2.60
N LEU B 125 12.33 3.76 -2.30
CA LEU B 125 11.14 4.06 -1.50
C LEU B 125 11.53 4.38 -0.05
N ILE B 126 10.99 5.46 0.51
CA ILE B 126 11.34 5.82 1.88
C ILE B 126 10.14 5.80 2.84
N ALA B 127 8.94 5.97 2.28
CA ALA B 127 7.71 6.01 3.10
C ALA B 127 6.45 5.76 2.28
N VAL B 128 5.42 5.28 2.96
CA VAL B 128 4.08 5.19 2.38
C VAL B 128 3.13 5.94 3.29
N LEU B 129 2.43 6.92 2.72
CA LEU B 129 1.52 7.76 3.49
C LEU B 129 0.12 7.55 2.97
N ILE B 130 -0.80 7.16 3.85
CA ILE B 130 -2.16 6.89 3.42
C ILE B 130 -3.08 8.03 3.85
N LEU B 131 -3.60 8.73 2.86
CA LEU B 131 -4.62 9.75 3.09
C LEU B 131 -6.00 9.11 3.02
N ARG B 132 -6.81 9.28 4.06
CA ARG B 132 -8.17 8.75 4.06
C ARG B 132 -9.22 9.86 4.00
N GLN B 133 -10.18 9.72 3.07
CA GLN B 133 -11.19 10.76 2.88
C GLN B 133 -12.63 10.29 3.05
N THR B 134 -13.37 11.01 3.88
CA THR B 134 -14.79 10.75 4.10
C THR B 134 -15.53 12.09 4.07
N ASN B 135 -16.85 12.06 4.23
CA ASN B 135 -17.62 13.31 4.17
C ASN B 135 -18.85 13.33 5.07
N ASN B 136 -19.58 14.43 5.03
CA ASN B 136 -20.85 14.53 5.76
C ASN B 136 -22.04 14.40 4.80
N TYR B 137 -21.90 13.55 3.78
CA TYR B 137 -22.87 13.53 2.69
C TYR B 137 -23.31 12.12 2.30
N ASN B 138 -22.39 11.16 2.38
CA ASN B 138 -22.72 9.76 2.07
C ASN B 138 -21.73 8.75 2.67
N SER B 139 -21.71 7.54 2.13
CA SER B 139 -20.87 6.50 2.71
C SER B 139 -19.45 6.46 2.13
N ASP B 140 -19.09 7.50 1.37
CA ASP B 140 -17.75 7.56 0.76
C ASP B 140 -16.63 7.47 1.80
N ASP B 141 -15.74 6.49 1.60
CA ASP B 141 -14.58 6.28 2.46
C ASP B 141 -13.43 5.86 1.55
N PHE B 142 -12.58 6.81 1.18
CA PHE B 142 -11.60 6.59 0.11
C PHE B 142 -10.17 6.73 0.61
N GLN B 143 -9.29 5.88 0.07
CA GLN B 143 -7.86 5.97 0.36
C GLN B 143 -7.09 6.52 -0.84
N PHE B 144 -6.17 7.44 -0.54
CA PHE B 144 -5.24 7.99 -1.51
C PHE B 144 -3.86 7.59 -0.99
N VAL B 145 -3.19 6.73 -1.74
CA VAL B 145 -1.97 6.09 -1.24
C VAL B 145 -0.72 6.70 -1.87
N TRP B 146 0.04 7.42 -1.06
CA TRP B 146 1.23 8.11 -1.56
C TRP B 146 2.48 7.29 -1.29
N ASN B 147 3.10 6.82 -2.37
CA ASN B 147 4.40 6.14 -2.31
C ASN B 147 5.49 7.20 -2.47
N ILE B 148 6.32 7.34 -1.44
CA ILE B 148 7.26 8.45 -1.34
C ILE B 148 8.66 7.96 -1.65
N TYR B 149 9.29 8.58 -2.65
CA TYR B 149 10.61 8.15 -3.10
C TYR B 149 11.65 9.28 -3.00
N ALA B 150 12.88 8.91 -2.63
CA ALA B 150 14.01 9.83 -2.55
C ALA B 150 14.60 10.02 -3.93
N ASN B 151 14.82 11.28 -4.34
CA ASN B 151 15.41 11.55 -5.65
C ASN B 151 16.92 11.41 -5.67
N ASN B 152 17.54 11.52 -4.49
CA ASN B 152 19.01 11.54 -4.38
C ASN B 152 19.50 10.76 -3.17
N ASP B 153 20.77 10.40 -3.18
CA ASP B 153 21.42 9.79 -2.03
C ASP B 153 21.46 10.76 -0.85
N VAL B 154 21.32 10.24 0.37
CA VAL B 154 21.52 11.06 1.55
C VAL B 154 22.65 10.42 2.36
N VAL B 155 23.68 11.20 2.68
CA VAL B 155 24.83 10.66 3.38
C VAL B 155 24.85 11.18 4.82
N VAL B 156 25.12 10.28 5.77
CA VAL B 156 25.38 10.69 7.14
C VAL B 156 26.89 10.78 7.30
N PRO B 157 27.43 12.01 7.38
CA PRO B 157 28.88 12.20 7.42
C PRO B 157 29.53 11.56 8.65
N THR B 158 30.74 11.05 8.46
CA THR B 158 31.51 10.49 9.56
C THR B 158 32.77 11.32 9.85
#